data_5AFZ
#
_entry.id   5AFZ
#
_cell.length_a   70.308
_cell.length_b   71.643
_cell.length_c   72.354
_cell.angle_alpha   90.00
_cell.angle_beta   100.53
_cell.angle_gamma   90.00
#
_symmetry.space_group_name_H-M   'C 1 2 1'
#
loop_
_entity.id
_entity.type
_entity.pdbx_description
1 polymer Prothrombin
2 polymer Hirudin-2
3 polymer Prothrombin
4 non-polymer 'SODIUM ION'
5 non-polymer N-(BENZYLSULFONYL)-D-PHENYLALANYL-N-(4-CARBAMIMIDOYLBENZYL)GLYCINAMIDE
6 non-polymer 'PHOSPHATE ION'
7 non-polymer 2-acetamido-2-deoxy-beta-D-glucopyranose
8 water water
#
loop_
_entity_poly.entity_id
_entity_poly.type
_entity_poly.pdbx_seq_one_letter_code
_entity_poly.pdbx_strand_id
1 'polypeptide(L)'
;IVEGSDAEIGMSPWQVMLFRKSPQELLCGASLISDRWVLTAAHCLLYPPWDKNFTENDLLVRIGKHSRTRYERNIEKISM
LEKIYIHPRYNWRENLDRDIALMKLKKPVAFSDYIHPVCLPDRETAASLLQAGYKGRVTGWGNLKETWTANVGKGQPSVL
QVVNLPIVERPVCKDSTRIRITDNMFCAGYKPDEGKRGDACEGDSGGPFVMKSPFNNRWYQMGIVSWGEGCDRDGKYGFY
THVFRLKKWIQKVIDQFG
;
H
2 'polypeptide(L)' GDFEEIPEE(TYS)LQ I
3 'polypeptide(L)' EADCGLRPLFEKKSLEDKTERELLESYID L
#
# COMPACT_ATOMS: atom_id res chain seq x y z
N ILE A 1 -9.12 6.65 -0.15
CA ILE A 1 -9.36 6.26 -1.53
C ILE A 1 -10.56 7.01 -2.08
N VAL A 2 -10.37 7.70 -3.20
CA VAL A 2 -11.43 8.47 -3.85
C VAL A 2 -12.01 7.71 -5.01
N GLU A 3 -13.34 7.65 -5.08
CA GLU A 3 -14.07 7.00 -6.17
C GLU A 3 -13.74 5.50 -6.27
N GLY A 4 -13.49 4.88 -5.12
CA GLY A 4 -13.34 3.44 -5.05
C GLY A 4 -14.59 2.79 -4.50
N SER A 5 -14.43 1.58 -3.97
CA SER A 5 -15.55 0.83 -3.43
C SER A 5 -15.14 0.05 -2.18
N ASP A 6 -16.14 -0.47 -1.46
CA ASP A 6 -15.87 -1.32 -0.31
C ASP A 6 -15.12 -2.57 -0.71
N ALA A 7 -14.04 -2.87 -0.01
CA ALA A 7 -13.33 -4.14 -0.19
C ALA A 7 -14.21 -5.31 0.16
N GLU A 8 -13.98 -6.44 -0.50
CA GLU A 8 -14.57 -7.69 -0.06
C GLU A 8 -13.81 -8.24 1.14
N ILE A 9 -14.48 -9.07 1.94
CA ILE A 9 -13.80 -9.68 3.07
C ILE A 9 -12.63 -10.54 2.56
N GLY A 10 -11.46 -10.33 3.14
CA GLY A 10 -10.27 -11.09 2.78
C GLY A 10 -9.68 -10.77 1.41
N MET A 11 -10.13 -9.67 0.81
CA MET A 11 -9.68 -9.27 -0.52
C MET A 11 -8.21 -8.84 -0.56
N SER A 12 -7.76 -8.24 0.54
N SER A 12 -7.75 -8.29 0.56
CA SER A 12 -6.41 -7.72 0.64
CA SER A 12 -6.43 -7.70 0.64
C SER A 12 -5.84 -8.10 2.00
C SER A 12 -5.79 -8.08 1.98
N PRO A 13 -5.54 -9.38 2.20
CA PRO A 13 -5.15 -9.87 3.53
C PRO A 13 -3.75 -9.42 3.95
N TRP A 14 -3.02 -8.78 3.04
CA TRP A 14 -1.73 -8.18 3.35
C TRP A 14 -1.87 -6.72 3.81
N GLN A 15 -3.08 -6.17 3.77
CA GLN A 15 -3.27 -4.77 4.15
C GLN A 15 -2.99 -4.59 5.64
N VAL A 16 -2.22 -3.56 5.96
CA VAL A 16 -1.87 -3.25 7.34
C VAL A 16 -2.27 -1.81 7.62
N MET A 17 -2.75 -1.57 8.83
CA MET A 17 -2.99 -0.22 9.33
C MET A 17 -1.90 0.21 10.30
N LEU A 18 -1.26 1.34 10.02
N LEU A 18 -1.26 1.33 10.01
CA LEU A 18 -0.30 1.93 10.95
CA LEU A 18 -0.35 1.95 10.95
C LEU A 18 -1.11 2.81 11.89
C LEU A 18 -1.19 2.77 11.90
N PHE A 19 -1.05 2.50 13.19
CA PHE A 19 -1.92 3.10 14.17
C PHE A 19 -1.14 3.86 15.23
N ARG A 20 -1.51 5.13 15.43
CA ARG A 20 -0.90 5.93 16.47
C ARG A 20 -1.49 5.54 17.83
N LYS A 21 -0.63 5.37 18.83
CA LYS A 21 -1.08 4.97 20.17
C LYS A 21 -1.80 6.09 20.91
N SER A 22 -1.23 7.29 20.85
CA SER A 22 -1.77 8.42 21.59
C SER A 22 -1.54 9.71 20.81
N PRO A 23 -2.61 10.32 20.30
CA PRO A 23 -3.99 9.83 20.36
C PRO A 23 -4.22 8.67 19.41
N GLN A 24 -5.17 7.79 19.74
CA GLN A 24 -5.46 6.63 18.91
C GLN A 24 -6.08 7.07 17.58
N GLU A 25 -5.35 6.88 16.49
CA GLU A 25 -5.81 7.33 15.18
C GLU A 25 -5.06 6.63 14.06
N LEU A 26 -5.65 6.61 12.88
CA LEU A 26 -5.00 6.11 11.67
C LEU A 26 -3.82 7.00 11.30
N LEU A 27 -2.67 6.41 11.04
CA LEU A 27 -1.53 7.17 10.53
C LEU A 27 -1.33 6.93 9.04
N CYS A 28 -1.36 5.67 8.65
CA CYS A 28 -1.02 5.31 7.28
C CYS A 28 -1.46 3.89 6.99
N GLY A 29 -1.37 3.52 5.72
CA GLY A 29 -1.43 2.13 5.33
C GLY A 29 -0.04 1.51 5.34
N ALA A 30 0.00 0.22 5.07
CA ALA A 30 1.24 -0.56 5.08
C ALA A 30 0.90 -1.93 4.51
N SER A 31 1.90 -2.80 4.36
CA SER A 31 1.62 -4.13 3.83
C SER A 31 2.44 -5.20 4.53
N LEU A 32 1.87 -6.40 4.62
CA LEU A 32 2.55 -7.55 5.22
C LEU A 32 3.34 -8.30 4.16
N ILE A 33 4.64 -8.42 4.35
CA ILE A 33 5.46 -9.15 3.36
C ILE A 33 6.07 -10.44 3.91
N SER A 34 5.95 -10.66 5.22
CA SER A 34 6.32 -11.93 5.85
C SER A 34 5.69 -11.96 7.24
N ASP A 35 5.95 -12.99 8.04
CA ASP A 35 5.29 -13.04 9.34
C ASP A 35 5.87 -12.01 10.31
N ARG A 36 6.98 -11.37 9.95
CA ARG A 36 7.60 -10.41 10.85
C ARG A 36 7.98 -9.07 10.23
N TRP A 37 7.72 -8.90 8.93
CA TRP A 37 8.12 -7.68 8.24
C TRP A 37 6.95 -6.97 7.57
N VAL A 38 6.88 -5.66 7.76
CA VAL A 38 5.83 -4.82 7.21
C VAL A 38 6.48 -3.70 6.41
N LEU A 39 5.93 -3.43 5.23
CA LEU A 39 6.46 -2.42 4.33
C LEU A 39 5.55 -1.19 4.36
N THR A 40 6.13 0.01 4.35
CA THR A 40 5.31 1.21 4.27
C THR A 40 6.09 2.33 3.58
N ALA A 41 5.52 3.54 3.56
CA ALA A 41 6.20 4.72 3.00
C ALA A 41 7.02 5.37 4.10
N ALA A 42 8.25 5.78 3.78
CA ALA A 42 9.09 6.50 4.75
C ALA A 42 8.41 7.73 5.31
N HIS A 43 7.66 8.46 4.48
CA HIS A 43 7.11 9.73 4.93
C HIS A 43 5.97 9.52 5.95
N CYS A 44 5.50 8.28 6.09
CA CYS A 44 4.55 7.94 7.14
C CYS A 44 5.20 8.01 8.51
N LEU A 45 6.52 7.84 8.54
CA LEU A 45 7.28 7.78 9.79
C LEU A 45 8.16 9.01 10.00
N LEU A 46 8.69 9.55 8.91
CA LEU A 46 9.65 10.63 9.00
C LEU A 46 9.37 11.68 7.94
N TYR A 47 8.96 12.87 8.38
CA TYR A 47 8.75 13.96 7.46
C TYR A 47 8.92 15.28 8.20
N PRO A 48 10.19 15.73 8.31
CA PRO A 48 10.51 16.96 9.06
C PRO A 48 9.72 18.22 8.68
N PRO A 49 9.33 18.42 7.40
CA PRO A 49 8.56 19.64 7.11
C PRO A 49 7.25 19.73 7.91
N TRP A 50 6.73 18.58 8.35
CA TRP A 50 5.51 18.54 9.15
C TRP A 50 5.79 18.11 10.59
N ASP A 51 7.05 18.23 11.01
CA ASP A 51 7.48 17.82 12.34
C ASP A 51 7.08 16.40 12.68
N LYS A 52 7.13 15.52 11.69
CA LYS A 52 6.82 14.13 11.88
C LYS A 52 8.10 13.31 12.02
N ASN A 53 8.23 12.61 13.15
CA ASN A 53 9.35 11.73 13.37
C ASN A 53 8.97 10.71 14.40
N PHE A 54 8.27 9.66 13.97
CA PHE A 54 7.79 8.65 14.90
C PHE A 54 8.89 7.66 15.29
N THR A 55 8.82 7.18 16.52
CA THR A 55 9.70 6.11 16.98
C THR A 55 8.88 4.84 17.14
N GLU A 56 9.56 3.71 17.33
CA GLU A 56 8.89 2.40 17.42
C GLU A 56 7.75 2.37 18.44
N ASN A 57 7.98 2.98 19.61
CA ASN A 57 7.02 2.87 20.69
C ASN A 57 5.81 3.80 20.52
N ASP A 58 5.86 4.65 19.51
CA ASP A 58 4.72 5.53 19.23
C ASP A 58 3.61 4.80 18.52
N LEU A 59 3.94 3.64 17.95
CA LEU A 59 3.12 3.02 16.91
C LEU A 59 2.67 1.60 17.21
N LEU A 60 1.56 1.23 16.58
CA LEU A 60 1.14 -0.16 16.47
C LEU A 60 0.85 -0.48 15.01
N VAL A 61 0.90 -1.76 14.67
CA VAL A 61 0.37 -2.18 13.37
C VAL A 61 -0.82 -3.08 13.60
N ARG A 62 -1.88 -2.85 12.83
CA ARG A 62 -3.10 -3.63 12.96
C ARG A 62 -3.31 -4.38 11.66
N ILE A 63 -3.36 -5.71 11.77
CA ILE A 63 -3.35 -6.59 10.60
C ILE A 63 -4.64 -7.40 10.56
N GLY A 64 -5.15 -7.65 9.34
CA GLY A 64 -6.37 -8.40 9.17
C GLY A 64 -7.64 -7.57 9.27
N LYS A 65 -7.50 -6.25 9.17
CA LYS A 65 -8.65 -5.38 9.38
C LYS A 65 -9.51 -5.18 8.14
N HIS A 66 -10.76 -4.84 8.40
CA HIS A 66 -11.71 -4.46 7.36
C HIS A 66 -12.33 -3.12 7.75
N SER A 67 -13.02 -3.11 8.88
CA SER A 67 -13.53 -1.87 9.45
C SER A 67 -12.40 -0.91 9.78
N ARG A 68 -12.59 0.37 9.48
CA ARG A 68 -11.58 1.37 9.81
C ARG A 68 -11.47 1.59 11.32
N THR A 69 -12.61 1.78 12.00
CA THR A 69 -12.56 2.25 13.38
C THR A 69 -12.83 1.20 14.45
N ARG A 70 -13.49 0.10 14.08
N ARG A 70 -13.47 0.10 14.08
CA ARG A 70 -13.86 -0.95 15.02
CA ARG A 70 -13.86 -0.89 15.08
C ARG A 70 -12.65 -1.78 15.47
C ARG A 70 -12.69 -1.80 15.46
N TYR A 71 -12.69 -2.26 16.71
CA TYR A 71 -11.74 -3.27 17.14
C TYR A 71 -12.34 -4.61 16.73
N GLU A 72 -11.75 -5.23 15.72
CA GLU A 72 -12.34 -6.40 15.11
C GLU A 72 -11.90 -7.67 15.83
N ARG A 73 -12.55 -7.86 16.96
CA ARG A 73 -12.30 -8.96 17.86
C ARG A 73 -12.32 -10.31 17.15
N ASN A 74 -11.29 -11.13 17.41
CA ASN A 74 -11.13 -12.48 16.86
C ASN A 74 -10.72 -12.51 15.39
N ILE A 75 -10.46 -11.33 14.83
CA ILE A 75 -10.13 -11.22 13.41
C ILE A 75 -8.83 -10.48 13.22
N GLU A 76 -8.76 -9.22 13.66
CA GLU A 76 -7.53 -8.48 13.52
C GLU A 76 -6.53 -8.89 14.59
N LYS A 77 -5.26 -8.64 14.28
CA LYS A 77 -4.17 -8.85 15.23
C LYS A 77 -3.36 -7.57 15.32
N ILE A 78 -2.95 -7.24 16.53
CA ILE A 78 -2.23 -6.01 16.78
C ILE A 78 -0.81 -6.32 17.23
N SER A 79 0.17 -5.76 16.50
CA SER A 79 1.57 -6.07 16.74
C SER A 79 2.37 -4.84 17.13
N MET A 80 3.38 -5.05 17.98
CA MET A 80 4.29 -3.99 18.36
C MET A 80 5.52 -3.98 17.45
N LEU A 81 6.15 -2.82 17.34
CA LEU A 81 7.32 -2.68 16.46
C LEU A 81 8.62 -2.94 17.22
N GLU A 82 9.47 -3.79 16.65
CA GLU A 82 10.81 -3.97 17.20
C GLU A 82 11.75 -2.88 16.68
N LYS A 83 11.71 -2.64 15.37
CA LYS A 83 12.61 -1.67 14.76
C LYS A 83 12.07 -1.12 13.44
N ILE A 84 12.30 0.17 13.22
CA ILE A 84 12.01 0.86 11.97
C ILE A 84 13.29 1.03 11.17
N TYR A 85 13.22 0.74 9.87
CA TYR A 85 14.33 0.99 8.95
C TYR A 85 13.87 1.88 7.81
N ILE A 86 14.43 3.08 7.74
CA ILE A 86 14.10 3.98 6.66
C ILE A 86 15.21 3.94 5.62
N HIS A 87 14.86 4.00 4.34
CA HIS A 87 15.89 4.02 3.30
C HIS A 87 16.88 5.15 3.55
N PRO A 88 18.19 4.84 3.53
CA PRO A 88 19.19 5.85 3.89
C PRO A 88 19.25 7.02 2.90
N ARG A 89 18.68 6.85 1.71
CA ARG A 89 18.67 7.91 0.72
C ARG A 89 17.25 8.41 0.43
N TYR A 90 16.33 8.12 1.35
CA TYR A 90 15.00 8.74 1.34
C TYR A 90 15.13 10.26 1.28
N ASN A 91 14.53 10.87 0.26
CA ASN A 91 14.65 12.31 0.03
C ASN A 91 13.40 13.06 0.50
N TRP A 92 13.35 13.36 1.79
CA TRP A 92 12.21 14.11 2.31
C TRP A 92 12.34 15.61 2.04
N ARG A 93 13.54 16.05 1.66
N ARG A 93 13.55 16.04 1.67
CA ARG A 93 13.78 17.47 1.44
CA ARG A 93 13.80 17.47 1.44
C ARG A 93 13.16 17.98 0.16
C ARG A 93 13.14 17.97 0.16
N GLU A 94 13.13 17.13 -0.87
CA GLU A 94 12.68 17.57 -2.19
C GLU A 94 11.41 16.92 -2.72
N ASN A 95 11.50 15.64 -3.10
CA ASN A 95 10.44 15.03 -3.89
C ASN A 95 9.99 13.65 -3.43
N LEU A 96 10.34 13.28 -2.21
CA LEU A 96 10.01 11.96 -1.65
C LEU A 96 10.61 10.81 -2.47
N ASP A 97 11.74 11.07 -3.11
CA ASP A 97 12.47 9.99 -3.78
C ASP A 97 12.81 8.89 -2.76
N ARG A 98 12.61 7.64 -3.16
CA ARG A 98 12.87 6.47 -2.32
C ARG A 98 12.02 6.49 -1.04
N ASP A 99 10.72 6.69 -1.22
CA ASP A 99 9.77 6.79 -0.12
C ASP A 99 9.41 5.40 0.37
N ILE A 100 10.28 4.83 1.19
CA ILE A 100 10.12 3.44 1.56
C ILE A 100 10.73 3.19 2.94
N ALA A 101 10.05 2.36 3.72
CA ALA A 101 10.52 1.99 5.05
C ALA A 101 10.07 0.59 5.39
N LEU A 102 10.88 -0.12 6.16
CA LEU A 102 10.52 -1.42 6.70
C LEU A 102 10.31 -1.36 8.20
N MET A 103 9.40 -2.18 8.70
CA MET A 103 9.17 -2.28 10.13
C MET A 103 9.22 -3.76 10.52
N LYS A 104 10.09 -4.10 11.47
CA LYS A 104 10.15 -5.46 11.99
C LYS A 104 9.28 -5.58 13.22
N LEU A 105 8.44 -6.60 13.26
CA LEU A 105 7.54 -6.83 14.39
C LEU A 105 8.26 -7.51 15.55
N LYS A 106 7.79 -7.23 16.77
CA LYS A 106 8.39 -7.87 17.94
C LYS A 106 8.17 -9.37 17.93
N LYS A 107 7.02 -9.80 17.44
CA LYS A 107 6.68 -11.23 17.37
C LYS A 107 6.02 -11.54 16.04
N PRO A 108 6.21 -12.77 15.53
CA PRO A 108 5.56 -13.11 14.27
C PRO A 108 4.04 -13.12 14.39
N VAL A 109 3.36 -12.64 13.36
CA VAL A 109 1.90 -12.66 13.34
C VAL A 109 1.43 -13.99 12.75
N ALA A 110 0.37 -14.54 13.33
CA ALA A 110 -0.21 -15.77 12.83
C ALA A 110 -1.05 -15.49 11.59
N PHE A 111 -0.81 -16.26 10.53
CA PHE A 111 -1.61 -16.11 9.32
C PHE A 111 -3.00 -16.70 9.54
N SER A 112 -3.96 -16.21 8.77
CA SER A 112 -5.36 -16.62 8.88
C SER A 112 -6.07 -16.33 7.56
N ASP A 113 -7.39 -16.53 7.53
CA ASP A 113 -8.16 -16.18 6.34
C ASP A 113 -8.02 -14.70 6.01
N TYR A 114 -7.71 -13.88 7.02
CA TYR A 114 -7.70 -12.42 6.91
C TYR A 114 -6.30 -11.82 6.90
N ILE A 115 -5.30 -12.66 7.14
CA ILE A 115 -3.93 -12.22 7.33
C ILE A 115 -2.99 -13.10 6.51
N HIS A 116 -2.34 -12.50 5.51
CA HIS A 116 -1.51 -13.28 4.59
C HIS A 116 -0.59 -12.34 3.82
N PRO A 117 0.69 -12.73 3.63
CA PRO A 117 1.62 -11.82 2.97
C PRO A 117 1.45 -11.71 1.46
N VAL A 118 1.80 -10.54 0.94
CA VAL A 118 1.86 -10.28 -0.50
C VAL A 118 3.26 -10.64 -0.99
N CYS A 119 3.42 -10.96 -2.27
CA CYS A 119 4.74 -11.20 -2.85
C CYS A 119 5.42 -9.90 -3.24
N LEU A 120 6.74 -9.90 -3.19
CA LEU A 120 7.52 -8.81 -3.77
C LEU A 120 7.98 -9.24 -5.14
N PRO A 121 7.99 -8.30 -6.11
CA PRO A 121 8.29 -8.66 -7.50
C PRO A 121 9.75 -9.03 -7.75
N ASP A 122 9.95 -10.01 -8.61
CA ASP A 122 11.23 -10.29 -9.26
C ASP A 122 11.40 -9.38 -10.47
N ARG A 123 12.59 -9.37 -11.06
CA ARG A 123 12.84 -8.53 -12.22
C ARG A 123 11.90 -8.84 -13.38
N GLU A 124 11.64 -10.12 -13.60
CA GLU A 124 10.83 -10.55 -14.73
C GLU A 124 9.36 -10.15 -14.58
N THR A 125 8.81 -10.34 -13.38
CA THR A 125 7.43 -9.97 -13.14
C THR A 125 7.28 -8.46 -13.26
N ALA A 126 8.27 -7.70 -12.76
CA ALA A 126 8.25 -6.25 -12.88
C ALA A 126 8.29 -5.81 -14.34
N ALA A 127 9.17 -6.43 -15.12
CA ALA A 127 9.31 -6.04 -16.51
C ALA A 127 8.03 -6.33 -17.27
N SER A 128 7.40 -7.45 -16.93
CA SER A 128 6.19 -7.85 -17.64
C SER A 128 4.97 -7.01 -17.30
N LEU A 129 4.85 -6.61 -16.03
CA LEU A 129 3.61 -6.00 -15.57
C LEU A 129 3.65 -4.48 -15.47
N LEU A 130 4.83 -3.90 -15.27
CA LEU A 130 4.91 -2.44 -15.12
C LEU A 130 4.92 -1.75 -16.47
N GLN A 131 3.77 -1.79 -17.14
CA GLN A 131 3.60 -1.23 -18.47
C GLN A 131 2.42 -0.28 -18.48
N ALA A 132 2.53 0.80 -19.24
CA ALA A 132 1.44 1.77 -19.38
C ALA A 132 0.16 1.07 -19.81
N GLY A 133 -0.93 1.39 -19.12
CA GLY A 133 -2.21 0.78 -19.42
C GLY A 133 -2.57 -0.41 -18.55
N TYR A 134 -1.54 -1.11 -18.06
CA TYR A 134 -1.79 -2.26 -17.17
C TYR A 134 -2.30 -1.75 -15.84
N LYS A 135 -3.34 -2.39 -15.32
CA LYS A 135 -3.96 -1.91 -14.09
C LYS A 135 -3.45 -2.60 -12.85
N GLY A 136 -3.31 -1.82 -11.79
CA GLY A 136 -3.04 -2.34 -10.47
C GLY A 136 -4.16 -1.96 -9.54
N ARG A 137 -4.03 -2.36 -8.28
CA ARG A 137 -5.09 -2.17 -7.31
C ARG A 137 -4.53 -1.49 -6.06
N VAL A 138 -5.22 -0.45 -5.60
CA VAL A 138 -4.79 0.30 -4.45
C VAL A 138 -5.86 0.20 -3.37
N THR A 139 -5.44 0.02 -2.12
CA THR A 139 -6.36 -0.15 -1.01
C THR A 139 -5.98 0.73 0.17
N GLY A 140 -6.97 1.16 0.94
CA GLY A 140 -6.68 1.97 2.11
C GLY A 140 -7.90 2.53 2.84
N TRP A 141 -7.64 3.09 4.01
CA TRP A 141 -8.69 3.69 4.83
C TRP A 141 -8.63 5.21 4.83
N GLY A 142 -7.92 5.77 3.86
CA GLY A 142 -7.74 7.21 3.74
C GLY A 142 -8.98 7.96 3.29
N ASN A 143 -8.82 9.27 3.12
CA ASN A 143 -9.93 10.14 2.78
C ASN A 143 -10.67 9.73 1.51
N LEU A 144 -12.00 9.90 1.55
CA LEU A 144 -12.85 9.58 0.41
C LEU A 144 -12.85 10.74 -0.59
N LYS A 145 -12.43 11.91 -0.12
CA LYS A 145 -12.38 13.11 -0.96
C LYS A 145 -11.19 13.95 -0.56
N GLU A 146 -10.71 14.76 -1.49
CA GLU A 146 -9.58 15.64 -1.22
C GLU A 146 -9.86 16.60 -0.07
N THR A 147 -11.01 17.27 -0.11
CA THR A 147 -11.34 18.27 0.89
C THR A 147 -12.50 17.84 1.77
N GLY A 155 -16.27 11.89 4.30
CA GLY A 155 -14.98 12.12 4.93
C GLY A 155 -14.11 10.88 4.97
N GLN A 156 -14.33 10.03 5.97
CA GLN A 156 -13.56 8.80 6.12
C GLN A 156 -14.46 7.59 5.99
N PRO A 157 -13.94 6.51 5.40
CA PRO A 157 -14.75 5.31 5.12
C PRO A 157 -15.05 4.44 6.34
N SER A 158 -16.16 3.73 6.31
CA SER A 158 -16.48 2.76 7.35
C SER A 158 -15.57 1.54 7.25
N VAL A 159 -15.29 1.10 6.01
CA VAL A 159 -14.44 -0.07 5.80
C VAL A 159 -13.41 0.18 4.71
N LEU A 160 -12.44 -0.73 4.63
CA LEU A 160 -11.35 -0.66 3.66
C LEU A 160 -11.89 -0.40 2.25
N GLN A 161 -11.25 0.54 1.55
CA GLN A 161 -11.64 0.89 0.19
C GLN A 161 -10.66 0.34 -0.83
N VAL A 162 -11.17 0.09 -2.03
N VAL A 162 -11.16 0.09 -2.04
CA VAL A 162 -10.40 -0.49 -3.13
CA VAL A 162 -10.35 -0.48 -3.11
C VAL A 162 -10.63 0.27 -4.43
C VAL A 162 -10.63 0.24 -4.43
N VAL A 163 -9.58 0.47 -5.21
CA VAL A 163 -9.74 1.02 -6.56
C VAL A 163 -8.68 0.43 -7.48
N ASN A 164 -9.10 0.10 -8.70
CA ASN A 164 -8.20 -0.38 -9.74
C ASN A 164 -7.84 0.77 -10.65
N LEU A 165 -6.55 0.94 -10.95
CA LEU A 165 -6.06 2.09 -11.70
C LEU A 165 -4.96 1.72 -12.68
N PRO A 166 -4.98 2.30 -13.89
CA PRO A 166 -3.96 1.97 -14.89
C PRO A 166 -2.64 2.71 -14.68
N ILE A 167 -1.53 2.01 -14.88
CA ILE A 167 -0.21 2.63 -14.92
C ILE A 167 -0.15 3.62 -16.10
N VAL A 168 0.47 4.77 -15.89
CA VAL A 168 0.51 5.83 -16.88
C VAL A 168 1.92 5.97 -17.49
N GLU A 169 1.97 6.28 -18.78
CA GLU A 169 3.22 6.56 -19.50
C GLU A 169 4.06 7.58 -18.75
N ARG A 170 5.36 7.32 -18.63
N ARG A 170 5.36 7.32 -18.64
CA ARG A 170 6.24 8.21 -17.86
CA ARG A 170 6.26 8.19 -17.88
C ARG A 170 6.25 9.67 -18.36
C ARG A 170 6.24 9.66 -18.35
N PRO A 171 6.23 9.90 -19.69
CA PRO A 171 6.15 11.31 -20.12
C PRO A 171 4.88 12.03 -19.66
N VAL A 172 3.76 11.31 -19.59
CA VAL A 172 2.51 11.89 -19.12
C VAL A 172 2.60 12.19 -17.63
N CYS A 173 3.17 11.26 -16.86
CA CYS A 173 3.43 11.51 -15.44
C CYS A 173 4.27 12.78 -15.27
N LYS A 174 5.37 12.87 -16.01
CA LYS A 174 6.28 14.00 -15.90
C LYS A 174 5.60 15.33 -16.25
N ASP A 175 4.79 15.30 -17.31
CA ASP A 175 4.14 16.51 -17.81
C ASP A 175 2.95 16.96 -16.95
N SER A 176 2.59 16.17 -15.95
CA SER A 176 1.43 16.47 -15.12
C SER A 176 1.80 17.27 -13.87
N THR A 177 3.08 17.51 -13.66
CA THR A 177 3.55 18.05 -12.39
C THR A 177 4.82 18.86 -12.57
N ARG A 178 5.09 19.75 -11.62
CA ARG A 178 6.35 20.49 -11.60
C ARG A 178 7.40 19.77 -10.73
N ILE A 179 6.95 18.77 -10.00
N ILE A 179 6.97 18.75 -10.00
CA ILE A 179 7.83 17.95 -9.17
CA ILE A 179 7.88 18.02 -9.14
C ILE A 179 8.78 17.15 -10.04
C ILE A 179 8.75 17.07 -9.95
N ARG A 180 10.03 17.01 -9.61
CA ARG A 180 10.99 16.18 -10.32
C ARG A 180 10.68 14.70 -10.06
N ILE A 181 10.33 13.98 -11.12
CA ILE A 181 10.02 12.55 -11.01
C ILE A 181 11.32 11.76 -11.17
N THR A 182 11.44 10.64 -10.47
CA THR A 182 12.62 9.79 -10.60
C THR A 182 12.25 8.38 -11.02
N ASP A 183 13.28 7.61 -11.38
CA ASP A 183 13.09 6.20 -11.73
C ASP A 183 12.58 5.36 -10.56
N ASN A 184 12.63 5.90 -9.34
CA ASN A 184 12.12 5.18 -8.18
C ASN A 184 10.64 5.45 -7.92
N MET A 185 10.00 6.07 -8.90
CA MET A 185 8.56 6.37 -8.85
C MET A 185 7.86 5.90 -10.11
N PHE A 186 6.58 5.59 -9.99
CA PHE A 186 5.72 5.52 -11.18
C PHE A 186 4.40 6.19 -10.85
N CYS A 187 3.61 6.52 -11.86
CA CYS A 187 2.31 7.11 -11.57
C CYS A 187 1.20 6.30 -12.23
N ALA A 188 0.00 6.47 -11.70
CA ALA A 188 -1.15 5.68 -12.15
C ALA A 188 -2.43 6.49 -11.96
N GLY A 189 -3.43 6.16 -12.77
CA GLY A 189 -4.72 6.81 -12.71
C GLY A 189 -5.25 7.03 -14.11
N TYR A 190 -6.53 7.39 -14.20
CA TYR A 190 -7.15 7.63 -15.49
C TYR A 190 -6.87 9.05 -15.99
N LYS A 191 -6.84 9.20 -17.30
CA LYS A 191 -6.73 10.50 -17.92
C LYS A 191 -8.11 11.15 -17.98
N PRO A 192 -8.17 12.48 -18.07
CA PRO A 192 -9.46 13.17 -18.15
C PRO A 192 -10.37 12.62 -19.25
N ASP A 193 -9.78 12.20 -20.36
CA ASP A 193 -10.56 11.73 -21.51
C ASP A 193 -11.11 10.32 -21.35
N GLU A 194 -10.62 9.60 -20.35
CA GLU A 194 -10.97 8.19 -20.18
C GLU A 194 -12.29 7.99 -19.42
N GLY A 195 -12.82 9.07 -18.85
CA GLY A 195 -14.10 9.00 -18.16
C GLY A 195 -14.02 8.50 -16.73
N LYS A 196 -13.58 7.26 -16.56
CA LYS A 196 -13.44 6.65 -15.23
C LYS A 196 -12.46 7.46 -14.37
N ARG A 197 -12.57 7.35 -13.06
CA ARG A 197 -11.61 8.04 -12.20
C ARG A 197 -11.26 7.22 -10.95
N GLY A 198 -10.69 7.89 -9.96
CA GLY A 198 -10.20 7.21 -8.78
C GLY A 198 -8.76 7.55 -8.47
N ASP A 199 -8.41 7.52 -7.18
CA ASP A 199 -7.08 7.89 -6.74
C ASP A 199 -6.91 7.47 -5.29
N ALA A 200 -5.66 7.30 -4.85
CA ALA A 200 -5.38 7.28 -3.42
C ALA A 200 -5.50 8.70 -2.87
N CYS A 201 -5.50 8.83 -1.55
CA CYS A 201 -5.57 10.13 -0.94
C CYS A 201 -4.86 10.13 0.41
N GLU A 202 -4.91 11.25 1.13
CA GLU A 202 -4.33 11.32 2.47
C GLU A 202 -4.87 10.19 3.35
N GLY A 203 -3.97 9.52 4.06
CA GLY A 203 -4.34 8.40 4.89
C GLY A 203 -4.10 7.05 4.22
N ASP A 204 -4.02 7.06 2.89
CA ASP A 204 -3.73 5.83 2.13
C ASP A 204 -2.24 5.59 1.99
N SER A 205 -1.44 6.63 2.23
CA SER A 205 0.02 6.55 2.15
C SER A 205 0.58 5.32 2.80
N GLY A 206 1.58 4.72 2.16
CA GLY A 206 2.21 3.54 2.72
C GLY A 206 1.53 2.25 2.34
N GLY A 207 0.28 2.31 1.87
CA GLY A 207 -0.45 1.14 1.43
C GLY A 207 0.06 0.64 0.08
N PRO A 208 -0.40 -0.55 -0.31
CA PRO A 208 0.15 -1.23 -1.50
C PRO A 208 -0.61 -0.94 -2.78
N PHE A 209 0.15 -0.87 -3.88
CA PHE A 209 -0.34 -0.94 -5.24
C PHE A 209 0.03 -2.33 -5.72
N VAL A 210 -0.98 -3.19 -5.91
CA VAL A 210 -0.70 -4.60 -6.22
C VAL A 210 -1.20 -4.98 -7.61
N MET A 211 -0.59 -6.03 -8.16
CA MET A 211 -0.98 -6.55 -9.47
C MET A 211 -1.03 -8.07 -9.37
N LYS A 212 -1.98 -8.69 -10.07
CA LYS A 212 -2.08 -10.14 -10.04
C LYS A 212 -1.42 -10.73 -11.26
N SER A 213 -0.33 -11.45 -11.05
CA SER A 213 0.39 -12.02 -12.19
C SER A 213 -0.48 -13.00 -12.97
N PRO A 214 -0.60 -12.81 -14.29
CA PRO A 214 -1.36 -13.77 -15.10
C PRO A 214 -0.56 -15.05 -15.38
N PHE A 215 0.71 -15.05 -14.99
CA PHE A 215 1.58 -16.20 -15.21
C PHE A 215 1.47 -17.22 -14.07
N ASN A 216 1.37 -16.75 -12.83
CA ASN A 216 1.30 -17.70 -11.72
C ASN A 216 0.16 -17.43 -10.76
N ASN A 217 -0.70 -16.46 -11.11
CA ASN A 217 -1.90 -16.13 -10.34
C ASN A 217 -1.63 -15.68 -8.91
N ARG A 218 -0.44 -15.12 -8.67
CA ARG A 218 -0.09 -14.55 -7.37
C ARG A 218 -0.14 -13.04 -7.40
N TRP A 219 -0.52 -12.45 -6.27
CA TRP A 219 -0.47 -10.99 -6.11
C TRP A 219 0.91 -10.50 -5.74
N TYR A 220 1.36 -9.47 -6.45
CA TYR A 220 2.65 -8.83 -6.24
C TYR A 220 2.49 -7.36 -5.89
N GLN A 221 3.28 -6.88 -4.94
CA GLN A 221 3.23 -5.46 -4.60
C GLN A 221 4.24 -4.70 -5.45
N MET A 222 3.72 -3.91 -6.40
CA MET A 222 4.59 -3.17 -7.32
C MET A 222 4.88 -1.76 -6.82
N GLY A 223 3.95 -1.22 -6.02
CA GLY A 223 4.08 0.17 -5.61
C GLY A 223 3.68 0.41 -4.15
N ILE A 224 4.08 1.56 -3.62
CA ILE A 224 3.65 2.04 -2.32
C ILE A 224 3.04 3.41 -2.52
N VAL A 225 1.84 3.63 -1.97
CA VAL A 225 1.20 4.95 -2.08
C VAL A 225 2.13 6.00 -1.49
N SER A 226 2.53 6.99 -2.30
CA SER A 226 3.55 7.95 -1.88
C SER A 226 3.08 9.40 -1.89
N TRP A 227 2.68 9.93 -3.05
CA TRP A 227 2.31 11.34 -3.11
C TRP A 227 1.40 11.65 -4.29
N GLY A 228 0.86 12.86 -4.28
CA GLY A 228 -0.07 13.30 -5.29
C GLY A 228 -0.47 14.74 -5.01
N GLU A 229 -0.78 15.48 -6.05
CA GLU A 229 -1.21 16.85 -5.85
C GLU A 229 -2.73 16.90 -5.75
N GLY A 230 -3.22 17.05 -4.53
CA GLY A 230 -4.65 16.86 -4.27
C GLY A 230 -5.01 15.40 -4.34
N CYS A 231 -6.27 15.10 -4.56
CA CYS A 231 -6.71 13.72 -4.80
C CYS A 231 -7.77 13.67 -5.90
N ASP A 232 -7.58 12.77 -6.86
CA ASP A 232 -8.52 12.55 -7.97
C ASP A 232 -8.79 13.81 -8.79
N ARG A 233 -7.79 14.67 -8.93
CA ARG A 233 -7.93 15.85 -9.79
C ARG A 233 -7.74 15.47 -11.25
N ASP A 234 -8.55 16.06 -12.12
CA ASP A 234 -8.37 15.87 -13.55
C ASP A 234 -6.96 16.31 -13.94
N GLY A 235 -6.25 15.45 -14.66
CA GLY A 235 -4.95 15.81 -15.19
C GLY A 235 -3.82 15.58 -14.22
N LYS A 236 -4.15 15.15 -13.00
CA LYS A 236 -3.15 14.75 -12.01
C LYS A 236 -3.16 13.24 -11.87
N TYR A 237 -2.08 12.69 -11.34
CA TYR A 237 -1.96 11.25 -11.14
C TYR A 237 -1.38 10.95 -9.77
N GLY A 238 -1.65 9.75 -9.28
CA GLY A 238 -1.06 9.32 -8.02
C GLY A 238 0.34 8.81 -8.29
N PHE A 239 1.26 9.11 -7.38
CA PHE A 239 2.62 8.62 -7.52
C PHE A 239 2.92 7.57 -6.48
N TYR A 240 3.68 6.55 -6.89
CA TYR A 240 3.92 5.36 -6.11
C TYR A 240 5.40 5.05 -6.07
N THR A 241 5.90 4.64 -4.91
CA THR A 241 7.26 4.15 -4.81
C THR A 241 7.41 2.87 -5.63
N HIS A 242 8.46 2.83 -6.44
CA HIS A 242 8.74 1.70 -7.33
C HIS A 242 9.42 0.59 -6.53
N VAL A 243 8.64 -0.38 -6.05
CA VAL A 243 9.13 -1.38 -5.10
C VAL A 243 10.30 -2.19 -5.70
N PHE A 244 10.17 -2.65 -6.93
CA PHE A 244 11.25 -3.46 -7.48
C PHE A 244 12.59 -2.69 -7.56
N ARG A 245 12.54 -1.41 -7.92
CA ARG A 245 13.75 -0.60 -8.02
C ARG A 245 14.51 -0.52 -6.68
N LEU A 246 13.78 -0.73 -5.58
CA LEU A 246 14.38 -0.62 -4.26
C LEU A 246 14.47 -1.98 -3.56
N LYS A 247 14.29 -3.06 -4.31
CA LYS A 247 14.25 -4.38 -3.69
C LYS A 247 15.61 -4.82 -3.14
N LYS A 248 16.71 -4.36 -3.75
CA LYS A 248 18.03 -4.70 -3.24
C LYS A 248 18.21 -4.17 -1.81
N TRP A 249 17.68 -2.98 -1.54
CA TRP A 249 17.74 -2.44 -0.19
C TRP A 249 16.86 -3.26 0.75
N ILE A 250 15.66 -3.60 0.29
CA ILE A 250 14.74 -4.41 1.07
C ILE A 250 15.41 -5.71 1.50
N GLN A 251 16.01 -6.40 0.54
CA GLN A 251 16.64 -7.68 0.81
C GLN A 251 17.83 -7.52 1.76
N LYS A 252 18.59 -6.44 1.59
CA LYS A 252 19.75 -6.17 2.42
C LYS A 252 19.35 -6.00 3.89
N VAL A 253 18.25 -5.29 4.12
CA VAL A 253 17.76 -5.07 5.47
C VAL A 253 17.28 -6.37 6.12
N ILE A 254 16.51 -7.15 5.36
CA ILE A 254 15.97 -8.40 5.89
C ILE A 254 17.09 -9.41 6.12
N ASP A 255 18.05 -9.46 5.19
CA ASP A 255 19.21 -10.36 5.35
C ASP A 255 20.05 -9.97 6.58
N GLN A 256 20.19 -8.67 6.80
CA GLN A 256 20.99 -8.14 7.90
C GLN A 256 20.35 -8.36 9.27
N PHE A 257 19.07 -8.03 9.36
CA PHE A 257 18.38 -7.93 10.64
C PHE A 257 17.32 -9.01 10.81
N GLY A 258 17.12 -9.87 9.95
N PHE B 3 -12.72 6.08 16.79
CA PHE B 3 -12.06 4.78 16.91
C PHE B 3 -12.44 4.08 18.20
N GLU B 4 -12.81 2.81 18.09
CA GLU B 4 -13.08 1.98 19.25
C GLU B 4 -11.78 1.72 20.01
N GLU B 5 -11.84 1.81 21.34
CA GLU B 5 -10.68 1.53 22.18
C GLU B 5 -10.18 0.11 21.92
N ILE B 6 -8.86 -0.05 21.87
CA ILE B 6 -8.28 -1.37 21.69
C ILE B 6 -7.86 -1.92 23.05
N PRO B 7 -7.77 -3.26 23.18
CA PRO B 7 -7.40 -3.87 24.46
C PRO B 7 -6.13 -3.27 25.06
N GLU B 8 -6.17 -3.04 26.38
CA GLU B 8 -5.09 -2.33 27.07
C GLU B 8 -3.74 -3.02 26.91
N GLU B 9 -3.76 -4.34 26.73
CA GLU B 9 -2.55 -5.13 26.64
C GLU B 9 -1.62 -4.66 25.52
N LEU B 11 -1.15 -1.61 24.67
CA LEU B 11 -0.68 -0.26 24.96
C LEU B 11 0.46 -0.24 25.97
N GLU C 1 7.20 -15.32 1.56
CA GLU C 1 7.02 -16.75 1.80
C GLU C 1 6.71 -17.49 0.50
N ALA C 2 6.86 -18.82 0.54
CA ALA C 2 6.56 -19.65 -0.62
C ALA C 2 5.08 -19.58 -0.99
N ASP C 3 4.26 -19.13 -0.04
CA ASP C 3 2.83 -19.08 -0.22
C ASP C 3 2.34 -17.65 -0.43
N CYS C 4 3.27 -16.74 -0.71
CA CYS C 4 2.89 -15.33 -0.79
C CYS C 4 1.88 -15.07 -1.91
N GLY C 5 1.04 -14.06 -1.72
CA GLY C 5 0.21 -13.57 -2.80
C GLY C 5 -0.97 -14.46 -3.18
N LEU C 6 -1.20 -15.51 -2.41
CA LEU C 6 -2.34 -16.39 -2.63
C LEU C 6 -3.31 -16.22 -1.46
N ARG C 7 -4.51 -15.71 -1.74
CA ARG C 7 -5.44 -15.34 -0.67
C ARG C 7 -6.26 -16.54 -0.20
N PRO C 8 -6.32 -16.78 1.12
CA PRO C 8 -7.14 -17.88 1.64
C PRO C 8 -8.58 -17.88 1.14
N LEU C 9 -9.19 -16.70 1.03
CA LEU C 9 -10.61 -16.68 0.68
C LEU C 9 -10.85 -16.54 -0.81
N PHE C 10 -9.77 -16.50 -1.61
CA PHE C 10 -9.94 -16.39 -3.05
C PHE C 10 -9.10 -17.43 -3.78
N GLU C 11 -7.83 -17.15 -4.07
CA GLU C 11 -7.02 -18.11 -4.84
C GLU C 11 -6.99 -19.50 -4.20
N LYS C 12 -6.89 -19.57 -2.87
CA LYS C 12 -6.74 -20.87 -2.22
C LYS C 12 -7.99 -21.74 -2.37
N LYS C 13 -9.13 -21.08 -2.63
N LYS C 13 -9.14 -21.12 -2.62
CA LYS C 13 -10.42 -21.76 -2.78
CA LYS C 13 -10.36 -21.90 -2.81
C LYS C 13 -10.91 -21.75 -4.23
C LYS C 13 -10.93 -21.68 -4.21
N SER C 14 -10.08 -21.21 -5.13
CA SER C 14 -10.46 -20.94 -6.52
C SER C 14 -11.73 -20.10 -6.64
N LEU C 15 -11.82 -19.04 -5.83
CA LEU C 15 -12.86 -18.03 -5.99
C LEU C 15 -12.24 -16.73 -6.47
N GLU C 16 -12.92 -16.03 -7.36
CA GLU C 16 -12.43 -14.73 -7.84
C GLU C 16 -13.16 -13.60 -7.14
N ASP C 17 -12.45 -12.50 -6.91
CA ASP C 17 -13.11 -11.33 -6.35
C ASP C 17 -13.81 -10.58 -7.49
N LYS C 18 -14.60 -9.57 -7.15
CA LYS C 18 -15.51 -8.99 -8.11
C LYS C 18 -14.86 -8.17 -9.23
N THR C 19 -13.62 -7.73 -9.04
CA THR C 19 -13.00 -6.87 -10.06
C THR C 19 -11.61 -7.31 -10.53
N GLU C 20 -11.11 -8.47 -10.08
CA GLU C 20 -9.77 -8.86 -10.52
C GLU C 20 -9.74 -9.12 -12.03
N ARG C 21 -10.88 -9.48 -12.62
CA ARG C 21 -10.95 -9.66 -14.07
C ARG C 21 -10.58 -8.37 -14.81
N GLU C 22 -10.91 -7.22 -14.23
CA GLU C 22 -10.56 -5.93 -14.82
C GLU C 22 -9.05 -5.79 -14.96
N LEU C 23 -8.32 -6.30 -13.97
CA LEU C 23 -6.86 -6.27 -14.02
C LEU C 23 -6.37 -7.19 -15.14
N LEU C 24 -6.84 -8.42 -15.15
CA LEU C 24 -6.42 -9.40 -16.16
C LEU C 24 -6.64 -8.89 -17.58
N GLU C 25 -7.80 -8.27 -17.81
CA GLU C 25 -8.14 -7.77 -19.14
C GLU C 25 -7.20 -6.66 -19.60
N SER C 26 -6.56 -5.98 -18.66
CA SER C 26 -5.64 -4.90 -19.01
C SER C 26 -4.23 -5.43 -19.33
N TYR C 27 -3.99 -6.70 -19.03
CA TYR C 27 -2.64 -7.26 -19.20
C TYR C 27 -2.50 -7.86 -20.60
N ILE C 28 -2.01 -7.07 -21.53
CA ILE C 28 -1.78 -7.56 -22.89
C ILE C 28 -0.50 -8.40 -22.93
#